data_9V8D
#
_entry.id   9V8D
#
_cell.length_a   43.620
_cell.length_b   53.460
_cell.length_c   66.910
_cell.angle_alpha   90.000
_cell.angle_beta   105.901
_cell.angle_gamma   90.000
#
_symmetry.space_group_name_H-M   'P 1 21 1'
#
loop_
_entity.id
_entity.type
_entity.pdbx_description
1 polymer 'Peroxisome proliferator-activated receptor gamma'
2 polymer PG08
3 non-polymer DI(HYDROXYETHYL)ETHER
4 non-polymer 'TRIETHYLENE GLYCOL'
5 non-polymer 1,2-ETHANEDIOL
6 water water
#
loop_
_entity_poly.entity_id
_entity_poly.type
_entity_poly.pdbx_seq_one_letter_code
_entity_poly.pdbx_strand_id
1 'polypeptide(L)'
;QLNPESADLRALAKHLYDSYIKSFPLTKAKARAILTGKTTDKSPFVIYDMNSLMMGEDKIKFKHITPLQEQSKEVAIRIF
QGCQFRSVEAVQEITEYAKSIPGFVNLDLNDQVTLLKYGVHEIIYTMLASLMNKDGVLISEGQGFMTREFLKSLRKPFGD
FMEPKFEFAVKFNALELDDSDLAIFIAVIILSGDRPGLLNVKPIEDIQDNLLQALELQLKLNHPESSQLFAKLLQKMTDL
RQIVTEHVQLLQVIKKTETDMSLHPLLQEIYKDLY
;
A
2 'polypeptide(L)' (DTY)KTANSV(AC5)VRH(AC5)LLTAIL(AC5)GVSGSN B
#
# COMPACT_ATOMS: atom_id res chain seq x y z
N PRO A 4 25.63 9.81 -18.14
CA PRO A 4 24.81 9.63 -19.34
C PRO A 4 23.38 9.22 -19.00
N GLU A 5 23.20 8.56 -17.87
CA GLU A 5 21.90 8.00 -17.64
C GLU A 5 21.06 9.03 -16.89
N SER A 6 21.57 10.16 -16.37
CA SER A 6 20.77 10.96 -15.43
C SER A 6 19.51 11.51 -16.08
N ALA A 7 19.60 12.05 -17.29
CA ALA A 7 18.42 12.58 -17.93
C ALA A 7 17.38 11.49 -18.14
N ASP A 8 17.81 10.26 -18.49
CA ASP A 8 16.87 9.17 -18.64
C ASP A 8 16.24 8.74 -17.32
N LEU A 9 17.00 8.80 -16.22
CA LEU A 9 16.45 8.50 -14.92
C LEU A 9 15.41 9.54 -14.50
N ARG A 10 15.55 10.80 -14.92
CA ARG A 10 14.50 11.77 -14.66
C ARG A 10 13.26 11.52 -15.52
N ALA A 11 13.45 11.12 -16.78
CA ALA A 11 12.28 10.76 -17.58
C ALA A 11 11.56 9.57 -16.98
N LEU A 12 12.28 8.59 -16.42
CA LEU A 12 11.69 7.45 -15.76
C LEU A 12 10.90 7.91 -14.53
N ALA A 13 11.52 8.78 -13.69
CA ALA A 13 10.85 9.36 -12.53
C ALA A 13 9.54 10.05 -12.92
N LYS A 14 9.55 10.83 -13.99
N LYS A 14 9.55 10.85 -13.98
CA LYS A 14 8.39 11.58 -14.43
CA LYS A 14 8.37 11.58 -14.41
C LYS A 14 7.29 10.65 -14.94
C LYS A 14 7.29 10.63 -14.91
N HIS A 15 7.71 9.64 -15.72
CA HIS A 15 6.76 8.64 -16.20
C HIS A 15 6.05 7.95 -15.04
N LEU A 16 6.81 7.57 -14.02
CA LEU A 16 6.25 6.92 -12.84
C LEU A 16 5.30 7.86 -12.08
N TYR A 17 5.70 9.11 -11.90
CA TYR A 17 4.76 10.03 -11.26
C TYR A 17 3.48 10.16 -12.06
N ASP A 18 3.59 10.38 -13.38
CA ASP A 18 2.39 10.52 -14.19
C ASP A 18 1.47 9.30 -14.06
N SER A 19 2.10 8.12 -14.01
CA SER A 19 1.35 6.87 -13.93
C SER A 19 0.69 6.75 -12.57
N TYR A 20 1.38 7.17 -11.52
CA TYR A 20 0.84 7.17 -10.15
C TYR A 20 -0.39 8.05 -10.09
N ILE A 21 -0.33 9.23 -10.71
CA ILE A 21 -1.46 10.16 -10.70
C ILE A 21 -2.65 9.51 -11.42
N LYS A 22 -2.40 8.78 -12.52
CA LYS A 22 -3.47 8.10 -13.22
C LYS A 22 -4.07 6.92 -12.42
N SER A 23 -3.31 6.29 -11.53
CA SER A 23 -3.66 5.04 -10.89
C SER A 23 -4.36 5.25 -9.55
N PHE A 24 -4.03 6.35 -8.85
CA PHE A 24 -4.39 6.53 -7.44
C PHE A 24 -5.20 7.82 -7.27
N PRO A 25 -6.53 7.68 -7.15
CA PRO A 25 -7.42 8.84 -7.03
C PRO A 25 -7.01 9.81 -5.95
N LEU A 26 -6.69 9.28 -4.76
CA LEU A 26 -6.39 10.13 -3.61
C LEU A 26 -4.87 10.13 -3.37
N THR A 27 -4.23 11.23 -3.77
CA THR A 27 -2.78 11.38 -3.64
C THR A 27 -2.40 11.79 -2.22
N LYS A 28 -1.12 11.70 -1.92
CA LYS A 28 -0.65 12.21 -0.62
C LYS A 28 -0.84 13.73 -0.53
N ALA A 29 -0.62 14.45 -1.62
CA ALA A 29 -0.80 15.90 -1.57
C ALA A 29 -2.23 16.24 -1.14
N LYS A 30 -3.19 15.55 -1.78
CA LYS A 30 -4.58 15.85 -1.46
C LYS A 30 -4.93 15.39 -0.04
N ALA A 31 -4.46 14.21 0.35
CA ALA A 31 -4.69 13.70 1.70
C ALA A 31 -4.18 14.64 2.79
N ARG A 32 -2.95 15.16 2.62
CA ARG A 32 -2.39 16.04 3.64
C ARG A 32 -3.15 17.37 3.69
N ALA A 33 -3.67 17.85 2.57
CA ALA A 33 -4.50 19.05 2.62
C ALA A 33 -5.76 18.81 3.46
N ILE A 34 -6.40 17.64 3.33
CA ILE A 34 -7.55 17.33 4.15
C ILE A 34 -7.16 17.19 5.61
N LEU A 35 -6.05 16.49 5.89
CA LEU A 35 -5.63 16.19 7.25
C LEU A 35 -5.27 17.48 8.01
N THR A 36 -4.74 18.49 7.32
CA THR A 36 -4.30 19.72 7.98
C THR A 36 -5.38 20.78 7.89
N GLY A 37 -6.56 20.43 7.36
CA GLY A 37 -7.72 21.30 7.48
C GLY A 37 -7.62 22.47 6.51
N LYS A 38 -6.99 22.24 5.35
CA LYS A 38 -6.66 23.31 4.42
C LYS A 38 -7.36 23.12 3.08
N THR A 39 -8.51 22.46 3.05
CA THR A 39 -9.39 22.53 1.90
C THR A 39 -10.47 23.56 2.22
N THR A 40 -11.11 24.09 1.17
CA THR A 40 -12.20 25.04 1.33
C THR A 40 -13.48 24.45 0.74
N SER A 43 -15.12 19.06 6.41
CA SER A 43 -15.90 18.30 5.39
C SER A 43 -15.85 16.79 5.65
N PRO A 44 -14.68 16.15 5.91
CA PRO A 44 -14.67 14.74 6.28
C PRO A 44 -15.50 14.55 7.55
N PHE A 45 -16.25 13.47 7.59
CA PHE A 45 -17.05 13.11 8.74
C PHE A 45 -16.16 12.35 9.73
N VAL A 46 -16.10 12.81 10.97
CA VAL A 46 -15.21 12.27 11.98
C VAL A 46 -15.94 11.20 12.79
N ILE A 47 -15.33 9.99 12.81
CA ILE A 47 -15.84 8.84 13.53
C ILE A 47 -14.92 8.56 14.72
N TYR A 48 -15.44 8.78 15.93
CA TYR A 48 -14.62 8.74 17.13
C TYR A 48 -15.28 7.91 18.23
N ASP A 49 -16.52 7.44 18.00
CA ASP A 49 -17.20 6.54 18.92
C ASP A 49 -18.33 5.84 18.17
N MET A 50 -19.17 5.08 18.89
CA MET A 50 -20.16 4.22 18.26
C MET A 50 -21.29 5.06 17.66
N ASN A 51 -21.63 6.16 18.32
CA ASN A 51 -22.72 7.03 17.87
C ASN A 51 -22.33 7.70 16.55
N SER A 52 -21.11 8.24 16.49
CA SER A 52 -20.62 8.89 15.27
C SER A 52 -20.42 7.88 14.15
N LEU A 53 -20.00 6.65 14.48
CA LEU A 53 -19.92 5.60 13.48
C LEU A 53 -21.27 5.37 12.81
N MET A 54 -22.31 5.26 13.61
CA MET A 54 -23.66 5.04 13.10
C MET A 54 -24.08 6.21 12.21
N MET A 55 -23.87 7.43 12.70
CA MET A 55 -24.30 8.62 11.98
C MET A 55 -23.58 8.71 10.64
N GLY A 56 -22.28 8.39 10.67
CA GLY A 56 -21.37 8.63 9.56
C GLY A 56 -21.38 7.53 8.50
N GLU A 57 -22.07 6.42 8.78
CA GLU A 57 -22.02 5.23 7.93
C GLU A 57 -22.37 5.55 6.47
N ASP A 58 -23.27 6.50 6.24
CA ASP A 58 -23.71 6.80 4.88
C ASP A 58 -22.77 7.81 4.20
N LYS A 59 -21.87 8.47 4.94
CA LYS A 59 -20.87 9.31 4.30
C LYS A 59 -19.65 8.47 3.90
N ILE A 60 -19.54 7.25 4.46
CA ILE A 60 -18.35 6.44 4.26
C ILE A 60 -18.70 5.16 3.52
N GLU A 70 -23.13 -6.34 4.73
CA GLU A 70 -22.57 -6.32 6.11
C GLU A 70 -23.54 -6.99 7.10
N GLN A 71 -24.85 -7.05 6.79
CA GLN A 71 -25.82 -7.70 7.65
C GLN A 71 -25.76 -7.03 9.03
N SER A 72 -26.02 -7.78 10.10
CA SER A 72 -25.93 -7.24 11.46
C SER A 72 -24.86 -7.95 12.28
N LYS A 73 -23.69 -8.10 11.69
CA LYS A 73 -22.53 -8.60 12.42
C LYS A 73 -22.06 -7.52 13.41
N GLU A 74 -21.31 -7.96 14.42
CA GLU A 74 -20.79 -7.01 15.39
C GLU A 74 -19.88 -6.00 14.72
N VAL A 75 -19.76 -4.84 15.38
CA VAL A 75 -19.15 -3.65 14.82
C VAL A 75 -17.71 -3.92 14.40
N ALA A 76 -16.98 -4.67 15.24
CA ALA A 76 -15.56 -4.89 14.94
C ALA A 76 -15.38 -5.63 13.61
N ILE A 77 -16.27 -6.60 13.35
CA ILE A 77 -16.24 -7.40 12.15
C ILE A 77 -16.67 -6.56 10.95
N ARG A 78 -17.65 -5.67 11.12
CA ARG A 78 -18.09 -4.82 10.03
C ARG A 78 -16.99 -3.85 9.62
N ILE A 79 -16.26 -3.32 10.60
CA ILE A 79 -15.16 -2.42 10.26
C ILE A 79 -14.11 -3.24 9.49
N PHE A 80 -13.83 -4.46 9.96
CA PHE A 80 -12.82 -5.31 9.34
C PHE A 80 -13.21 -5.67 7.91
N GLN A 81 -14.48 -6.00 7.67
CA GLN A 81 -15.05 -6.23 6.35
C GLN A 81 -14.86 -5.02 5.42
N GLY A 82 -15.12 -3.83 5.94
CA GLY A 82 -14.89 -2.59 5.22
C GLY A 82 -13.42 -2.39 4.84
N CYS A 83 -12.50 -2.63 5.78
CA CYS A 83 -11.08 -2.59 5.44
C CYS A 83 -10.74 -3.58 4.33
N GLN A 84 -11.40 -4.74 4.28
CA GLN A 84 -11.17 -5.73 3.23
C GLN A 84 -11.57 -5.21 1.85
N PHE A 85 -12.74 -4.58 1.73
CA PHE A 85 -13.18 -4.15 0.42
C PHE A 85 -12.29 -3.00 -0.04
N ARG A 86 -11.82 -2.18 0.91
CA ARG A 86 -10.91 -1.11 0.53
C ARG A 86 -9.60 -1.72 0.05
N SER A 87 -9.08 -2.76 0.75
CA SER A 87 -7.84 -3.41 0.34
C SER A 87 -7.98 -3.97 -1.07
N VAL A 88 -9.13 -4.59 -1.38
CA VAL A 88 -9.37 -5.14 -2.71
C VAL A 88 -9.31 -4.05 -3.79
N GLU A 89 -9.92 -2.89 -3.52
CA GLU A 89 -9.82 -1.79 -4.45
C GLU A 89 -8.37 -1.35 -4.61
N ALA A 90 -7.64 -1.26 -3.50
CA ALA A 90 -6.24 -0.84 -3.54
C ALA A 90 -5.41 -1.81 -4.39
N VAL A 91 -5.64 -3.12 -4.22
CA VAL A 91 -4.94 -4.13 -4.99
C VAL A 91 -5.11 -3.83 -6.48
N GLN A 92 -6.33 -3.49 -6.92
CA GLN A 92 -6.57 -3.21 -8.32
C GLN A 92 -5.85 -1.94 -8.80
N GLU A 93 -5.83 -0.91 -7.97
CA GLU A 93 -5.12 0.33 -8.30
C GLU A 93 -3.62 0.07 -8.40
N ILE A 94 -3.10 -0.70 -7.45
CA ILE A 94 -1.67 -0.99 -7.41
C ILE A 94 -1.25 -1.81 -8.62
N THR A 95 -2.14 -2.75 -9.04
CA THR A 95 -1.85 -3.59 -10.20
C THR A 95 -1.82 -2.72 -11.45
N GLU A 96 -2.75 -1.76 -11.59
CA GLU A 96 -2.71 -0.85 -12.72
C GLU A 96 -1.42 -0.05 -12.74
N TYR A 97 -0.98 0.39 -11.55
CA TYR A 97 0.29 1.11 -11.46
C TYR A 97 1.48 0.23 -11.85
N ALA A 98 1.52 -0.98 -11.32
CA ALA A 98 2.62 -1.89 -11.66
C ALA A 98 2.75 -2.08 -13.17
N LYS A 99 1.60 -2.18 -13.84
CA LYS A 99 1.62 -2.37 -15.28
C LYS A 99 2.17 -1.19 -16.06
N SER A 100 2.30 -0.01 -15.43
N SER A 100 2.31 -0.05 -15.37
CA SER A 100 2.94 1.13 -16.08
CA SER A 100 2.87 1.18 -15.92
C SER A 100 4.41 1.25 -15.74
C SER A 100 4.40 1.22 -15.76
N ILE A 101 4.98 0.35 -14.95
CA ILE A 101 6.43 0.40 -14.68
C ILE A 101 7.12 -0.19 -15.88
N PRO A 102 7.99 0.54 -16.59
CA PRO A 102 8.61 -0.01 -17.80
C PRO A 102 9.25 -1.36 -17.53
N GLY A 103 8.92 -2.30 -18.40
CA GLY A 103 9.43 -3.65 -18.32
C GLY A 103 8.47 -4.63 -17.63
N PHE A 104 7.59 -4.17 -16.72
CA PHE A 104 6.81 -5.10 -15.92
C PHE A 104 5.86 -6.00 -16.74
N VAL A 105 5.17 -5.46 -17.74
CA VAL A 105 4.21 -6.28 -18.48
C VAL A 105 4.92 -7.29 -19.37
N ASN A 106 6.21 -7.11 -19.62
CA ASN A 106 6.98 -8.04 -20.43
C ASN A 106 7.58 -9.16 -19.60
N LEU A 107 7.50 -9.11 -18.30
CA LEU A 107 7.91 -10.22 -17.44
C LEU A 107 6.96 -11.41 -17.70
N ASP A 108 7.47 -12.59 -17.44
CA ASP A 108 6.63 -13.76 -17.35
C ASP A 108 5.42 -13.48 -16.49
N LEU A 109 4.23 -13.86 -16.91
CA LEU A 109 3.02 -13.55 -16.17
C LEU A 109 3.01 -14.20 -14.81
N ASN A 110 3.64 -15.40 -14.67
CA ASN A 110 3.76 -16.02 -13.37
C ASN A 110 4.51 -15.09 -12.42
N ASP A 111 5.56 -14.45 -12.93
CA ASP A 111 6.35 -13.55 -12.09
C ASP A 111 5.60 -12.26 -11.76
N GLN A 112 4.85 -11.71 -12.72
CA GLN A 112 4.01 -10.54 -12.42
C GLN A 112 3.08 -10.89 -11.26
N VAL A 113 2.45 -12.06 -11.29
CA VAL A 113 1.57 -12.45 -10.21
C VAL A 113 2.32 -12.60 -8.90
N THR A 114 3.48 -13.27 -8.90
CA THR A 114 4.27 -13.44 -7.70
C THR A 114 4.67 -12.09 -7.08
N LEU A 115 5.10 -11.15 -7.93
CA LEU A 115 5.54 -9.84 -7.43
C LEU A 115 4.37 -9.14 -6.76
N LEU A 116 3.17 -9.20 -7.34
CA LEU A 116 2.02 -8.54 -6.73
C LEU A 116 1.58 -9.28 -5.47
N LYS A 117 1.54 -10.60 -5.54
CA LYS A 117 1.10 -11.41 -4.41
C LYS A 117 1.86 -11.05 -3.14
N TYR A 118 3.19 -10.96 -3.28
CA TYR A 118 4.06 -10.74 -2.13
C TYR A 118 4.36 -9.28 -1.90
N GLY A 119 4.03 -8.38 -2.82
CA GLY A 119 4.34 -6.96 -2.73
C GLY A 119 3.16 -6.08 -2.36
N VAL A 120 1.92 -6.51 -2.65
N VAL A 120 1.92 -6.50 -2.61
CA VAL A 120 0.79 -5.59 -2.56
CA VAL A 120 0.82 -5.54 -2.57
C VAL A 120 0.67 -5.04 -1.14
C VAL A 120 0.51 -5.07 -1.14
N HIS A 121 0.74 -5.91 -0.13
CA HIS A 121 0.52 -5.44 1.22
C HIS A 121 1.56 -4.42 1.67
N GLU A 122 2.80 -4.60 1.25
CA GLU A 122 3.82 -3.58 1.59
C GLU A 122 3.43 -2.24 0.95
N ILE A 123 2.91 -2.25 -0.26
CA ILE A 123 2.48 -1.01 -0.91
C ILE A 123 1.25 -0.46 -0.21
N ILE A 124 0.30 -1.31 0.17
CA ILE A 124 -0.88 -0.82 0.87
C ILE A 124 -0.46 -0.08 2.14
N TYR A 125 0.48 -0.63 2.93
CA TYR A 125 0.87 0.03 4.18
C TYR A 125 1.59 1.33 3.88
N THR A 126 2.41 1.36 2.83
CA THR A 126 3.09 2.57 2.41
C THR A 126 2.04 3.65 2.16
N MET A 127 1.02 3.33 1.35
CA MET A 127 0.07 4.32 0.84
C MET A 127 -0.89 4.68 1.97
N LEU A 128 -1.14 3.76 2.91
CA LEU A 128 -1.97 4.07 4.07
C LEU A 128 -1.31 5.15 4.90
N ALA A 129 0.04 5.18 5.01
CA ALA A 129 0.67 6.22 5.78
C ALA A 129 0.33 7.62 5.25
N SER A 130 0.14 7.74 3.93
CA SER A 130 -0.22 9.05 3.36
C SER A 130 -1.56 9.55 3.90
N LEU A 131 -2.42 8.62 4.32
CA LEU A 131 -3.77 8.94 4.82
C LEU A 131 -3.83 9.10 6.33
N MET A 132 -2.71 8.91 7.03
CA MET A 132 -2.68 8.85 8.48
C MET A 132 -1.92 10.03 9.09
N ASN A 133 -2.40 10.51 10.24
CA ASN A 133 -1.53 11.21 11.17
C ASN A 133 -1.56 10.46 12.49
N LYS A 134 -0.95 11.04 13.54
CA LYS A 134 -0.84 10.34 14.80
C LYS A 134 -2.19 10.15 15.47
N ASP A 135 -3.25 10.81 14.97
CA ASP A 135 -4.54 10.77 15.64
C ASP A 135 -5.62 10.02 14.88
N GLY A 136 -5.37 9.62 13.64
CA GLY A 136 -6.41 8.91 12.92
C GLY A 136 -6.06 8.78 11.43
N VAL A 137 -7.04 8.25 10.68
CA VAL A 137 -6.86 7.84 9.30
C VAL A 137 -8.05 8.28 8.46
N LEU A 138 -7.75 8.84 7.28
CA LEU A 138 -8.76 9.15 6.30
C LEU A 138 -9.32 7.86 5.69
N ILE A 139 -10.64 7.81 5.52
CA ILE A 139 -11.31 6.69 4.88
C ILE A 139 -12.26 7.22 3.81
N SER A 140 -12.64 6.29 2.92
CA SER A 140 -13.57 6.55 1.83
C SER A 140 -13.15 7.75 1.01
N GLU A 141 -11.94 7.65 0.45
CA GLU A 141 -11.38 8.67 -0.42
C GLU A 141 -11.49 10.05 0.22
N GLY A 142 -11.22 10.13 1.54
CA GLY A 142 -11.11 11.38 2.26
C GLY A 142 -12.45 11.92 2.78
N GLN A 143 -13.55 11.18 2.62
CA GLN A 143 -14.86 11.66 3.07
C GLN A 143 -15.10 11.38 4.55
N GLY A 144 -14.24 10.58 5.15
CA GLY A 144 -14.35 10.26 6.56
C GLY A 144 -12.96 10.27 7.19
N PHE A 145 -12.94 10.33 8.52
CA PHE A 145 -11.72 10.28 9.33
C PHE A 145 -12.03 9.47 10.59
N MET A 146 -11.39 8.32 10.77
CA MET A 146 -11.59 7.49 11.93
C MET A 146 -10.43 7.65 12.89
N THR A 147 -10.74 7.94 14.16
CA THR A 147 -9.69 8.19 15.15
C THR A 147 -8.97 6.88 15.51
N ARG A 148 -7.67 7.02 15.74
CA ARG A 148 -6.83 5.93 16.19
C ARG A 148 -7.35 5.37 17.52
N GLU A 149 -7.79 6.23 18.44
CA GLU A 149 -8.32 5.79 19.73
C GLU A 149 -9.57 4.94 19.53
N PHE A 150 -10.42 5.36 18.60
CA PHE A 150 -11.63 4.60 18.29
C PHE A 150 -11.24 3.21 17.79
N LEU A 151 -10.28 3.11 16.85
CA LEU A 151 -9.83 1.82 16.38
C LEU A 151 -9.22 0.97 17.50
N LYS A 152 -8.50 1.59 18.44
CA LYS A 152 -7.95 0.85 19.57
C LYS A 152 -9.04 0.33 20.53
N SER A 153 -10.24 0.92 20.53
CA SER A 153 -11.30 0.58 21.46
C SER A 153 -12.05 -0.68 21.02
N LEU A 154 -11.81 -1.18 19.81
CA LEU A 154 -12.52 -2.37 19.38
C LEU A 154 -12.05 -3.58 20.18
N ARG A 155 -12.93 -4.57 20.36
CA ARG A 155 -12.62 -5.72 21.19
C ARG A 155 -11.45 -6.48 20.56
N LYS A 156 -10.72 -7.22 21.39
CA LYS A 156 -9.55 -7.96 20.95
C LYS A 156 -10.05 -9.11 20.07
N PRO A 157 -9.32 -9.52 19.01
CA PRO A 157 -8.08 -8.86 18.59
C PRO A 157 -8.15 -7.70 17.58
N PHE A 158 -9.37 -7.19 17.32
CA PHE A 158 -9.55 -6.20 16.29
C PHE A 158 -8.96 -4.85 16.72
N GLY A 159 -8.89 -4.62 18.04
CA GLY A 159 -8.37 -3.37 18.57
C GLY A 159 -6.87 -3.19 18.32
N ASP A 160 -6.20 -4.25 17.83
CA ASP A 160 -4.76 -4.27 17.65
C ASP A 160 -4.33 -4.20 16.18
N PHE A 161 -5.27 -4.28 15.24
CA PHE A 161 -4.93 -4.45 13.84
C PHE A 161 -4.16 -3.26 13.30
N MET A 162 -4.66 -2.05 13.59
CA MET A 162 -4.20 -0.83 12.92
C MET A 162 -3.01 -0.20 13.65
N GLU A 163 -2.81 -0.52 14.94
CA GLU A 163 -1.84 0.20 15.75
C GLU A 163 -0.41 0.08 15.19
N PRO A 164 0.06 -1.10 14.72
CA PRO A 164 1.37 -1.15 14.07
C PRO A 164 1.49 -0.33 12.79
N LYS A 165 0.38 -0.16 12.07
CA LYS A 165 0.38 0.66 10.88
C LYS A 165 0.53 2.14 11.25
N PHE A 166 -0.19 2.59 12.27
CA PHE A 166 -0.02 3.94 12.77
C PHE A 166 1.42 4.18 13.23
N GLU A 167 2.02 3.21 13.93
CA GLU A 167 3.38 3.38 14.45
C GLU A 167 4.36 3.57 13.29
N PHE A 168 4.17 2.74 12.27
CA PHE A 168 4.96 2.82 11.06
C PHE A 168 4.77 4.18 10.38
N ALA A 169 3.50 4.59 10.27
CA ALA A 169 3.17 5.77 9.50
C ALA A 169 3.77 7.03 10.13
N VAL A 170 3.73 7.14 11.44
CA VAL A 170 4.23 8.38 12.03
C VAL A 170 5.73 8.55 11.74
N LYS A 171 6.49 7.44 11.81
CA LYS A 171 7.91 7.49 11.50
C LYS A 171 8.14 7.75 10.03
N PHE A 172 7.33 7.09 9.19
CA PHE A 172 7.53 7.15 7.76
C PHE A 172 7.20 8.54 7.27
N ASN A 173 6.12 9.14 7.80
CA ASN A 173 5.71 10.48 7.40
C ASN A 173 6.71 11.53 7.84
N ALA A 174 7.51 11.27 8.87
CA ALA A 174 8.56 12.20 9.29
C ALA A 174 9.64 12.41 8.23
N LEU A 175 9.73 11.49 7.26
CA LEU A 175 10.67 11.62 6.16
C LEU A 175 10.19 12.62 5.10
N GLU A 176 8.91 13.04 5.17
CA GLU A 176 8.36 14.08 4.32
C GLU A 176 8.48 13.77 2.83
N LEU A 177 8.22 12.51 2.42
CA LEU A 177 8.24 12.17 1.02
C LEU A 177 7.02 12.76 0.32
N ASP A 178 7.17 13.13 -0.93
CA ASP A 178 6.06 13.58 -1.74
C ASP A 178 5.63 12.49 -2.72
N ASP A 179 4.58 12.76 -3.50
CA ASP A 179 4.03 11.78 -4.42
C ASP A 179 5.07 11.33 -5.45
N SER A 180 5.90 12.27 -5.93
N SER A 180 5.91 12.29 -5.89
CA SER A 180 6.92 11.91 -6.90
CA SER A 180 6.96 12.03 -6.86
C SER A 180 7.92 10.91 -6.29
C SER A 180 7.99 11.04 -6.32
N ASP A 181 8.32 11.16 -5.04
CA ASP A 181 9.23 10.26 -4.35
C ASP A 181 8.56 8.89 -4.19
N LEU A 182 7.31 8.89 -3.71
CA LEU A 182 6.60 7.63 -3.43
C LEU A 182 6.40 6.79 -4.69
N ALA A 183 6.16 7.45 -5.85
CA ALA A 183 5.96 6.67 -7.06
C ALA A 183 7.16 5.77 -7.29
N ILE A 184 8.39 6.28 -7.12
CA ILE A 184 9.57 5.47 -7.39
C ILE A 184 9.76 4.45 -6.27
N PHE A 185 9.61 4.84 -4.99
CA PHE A 185 9.74 3.94 -3.87
C PHE A 185 8.83 2.72 -4.06
N ILE A 186 7.55 2.93 -4.41
CA ILE A 186 6.63 1.82 -4.58
C ILE A 186 7.10 0.92 -5.74
N ALA A 187 7.54 1.53 -6.83
CA ALA A 187 8.07 0.73 -7.95
C ALA A 187 9.23 -0.17 -7.55
N VAL A 188 10.15 0.35 -6.74
CA VAL A 188 11.31 -0.43 -6.29
C VAL A 188 10.80 -1.64 -5.52
N ILE A 189 9.83 -1.44 -4.61
CA ILE A 189 9.34 -2.54 -3.79
C ILE A 189 8.67 -3.61 -4.65
N ILE A 190 7.87 -3.22 -5.64
CA ILE A 190 7.17 -4.21 -6.47
C ILE A 190 8.20 -5.07 -7.19
N LEU A 191 9.27 -4.44 -7.69
CA LEU A 191 10.28 -5.14 -8.49
C LEU A 191 11.35 -5.79 -7.58
N SER A 192 10.92 -6.56 -6.59
CA SER A 192 11.82 -7.24 -5.66
C SER A 192 12.15 -8.63 -6.17
N GLY A 193 13.42 -8.87 -6.44
CA GLY A 193 13.85 -10.13 -7.03
C GLY A 193 13.96 -11.28 -6.04
N ASP A 194 13.69 -11.04 -4.75
CA ASP A 194 13.79 -12.09 -3.74
C ASP A 194 12.46 -12.67 -3.30
N ARG A 195 11.38 -12.42 -4.06
CA ARG A 195 10.10 -13.02 -3.70
C ARG A 195 10.15 -14.54 -3.97
N PRO A 196 9.49 -15.37 -3.16
CA PRO A 196 9.55 -16.80 -3.36
C PRO A 196 8.86 -17.22 -4.65
N GLY A 197 9.51 -18.10 -5.39
CA GLY A 197 8.88 -18.70 -6.54
C GLY A 197 9.07 -17.94 -7.84
N LEU A 198 9.88 -16.86 -7.84
CA LEU A 198 10.12 -16.16 -9.10
C LEU A 198 10.91 -17.06 -10.05
N LEU A 199 10.48 -17.09 -11.31
CA LEU A 199 11.11 -17.92 -12.34
C LEU A 199 12.33 -17.26 -12.93
N ASN A 200 12.29 -15.93 -13.13
N ASN A 200 12.32 -15.94 -13.16
CA ASN A 200 13.35 -15.23 -13.85
CA ASN A 200 13.47 -15.34 -13.79
C ASN A 200 13.81 -14.01 -13.06
C ASN A 200 13.79 -14.05 -13.05
N VAL A 201 14.72 -14.16 -12.10
CA VAL A 201 15.08 -13.05 -11.23
C VAL A 201 15.88 -11.99 -11.97
N LYS A 202 16.74 -12.35 -12.92
CA LYS A 202 17.63 -11.39 -13.54
C LYS A 202 16.90 -10.21 -14.17
N PRO A 203 15.87 -10.35 -15.03
CA PRO A 203 15.21 -9.18 -15.58
C PRO A 203 14.55 -8.31 -14.54
N ILE A 204 14.08 -8.93 -13.44
CA ILE A 204 13.47 -8.17 -12.35
C ILE A 204 14.52 -7.29 -11.67
N GLU A 205 15.67 -7.88 -11.37
CA GLU A 205 16.75 -7.13 -10.71
C GLU A 205 17.31 -6.08 -11.66
N ASP A 206 17.29 -6.30 -12.95
CA ASP A 206 17.78 -5.32 -13.90
C ASP A 206 16.85 -4.11 -13.90
N ILE A 207 15.53 -4.34 -13.88
CA ILE A 207 14.57 -3.24 -13.77
C ILE A 207 14.74 -2.56 -12.41
N GLN A 208 14.82 -3.35 -11.34
CA GLN A 208 14.92 -2.74 -10.01
C GLN A 208 16.21 -1.91 -9.84
N ASP A 209 17.32 -2.33 -10.42
CA ASP A 209 18.56 -1.56 -10.33
C ASP A 209 18.37 -0.18 -10.96
N ASN A 210 17.69 -0.09 -12.12
N ASN A 210 17.66 -0.13 -12.07
CA ASN A 210 17.41 1.20 -12.74
CA ASN A 210 17.44 1.14 -12.72
C ASN A 210 16.47 2.02 -11.87
C ASN A 210 16.50 2.00 -11.87
N LEU A 211 15.48 1.37 -11.27
CA LEU A 211 14.56 2.07 -10.37
C LEU A 211 15.28 2.60 -9.13
N LEU A 212 16.21 1.83 -8.59
CA LEU A 212 17.00 2.25 -7.45
C LEU A 212 17.88 3.44 -7.79
N GLN A 213 18.53 3.43 -8.96
CA GLN A 213 19.28 4.61 -9.38
C GLN A 213 18.34 5.81 -9.54
N ALA A 214 17.17 5.60 -10.12
CA ALA A 214 16.20 6.69 -10.29
C ALA A 214 15.76 7.22 -8.93
N LEU A 215 15.56 6.34 -7.92
CA LEU A 215 15.17 6.79 -6.59
C LEU A 215 16.28 7.57 -5.91
N GLU A 216 17.53 7.14 -6.02
CA GLU A 216 18.62 7.87 -5.39
C GLU A 216 18.70 9.28 -5.99
N LEU A 217 18.62 9.41 -7.31
CA LEU A 217 18.73 10.70 -7.96
C LEU A 217 17.56 11.59 -7.54
N GLN A 218 16.35 11.04 -7.52
CA GLN A 218 15.16 11.76 -7.11
C GLN A 218 15.33 12.32 -5.70
N LEU A 219 15.86 11.55 -4.75
CA LEU A 219 15.99 12.01 -3.38
C LEU A 219 17.09 13.04 -3.28
N LYS A 220 18.18 12.91 -4.04
CA LYS A 220 19.24 13.90 -3.98
C LYS A 220 18.77 15.23 -4.55
N LEU A 221 17.92 15.21 -5.59
CA LEU A 221 17.45 16.47 -6.19
C LEU A 221 16.30 17.08 -5.36
N ASN A 222 15.37 16.26 -4.90
CA ASN A 222 14.13 16.74 -4.29
C ASN A 222 14.30 16.99 -2.78
N HIS A 223 15.30 16.34 -2.17
CA HIS A 223 15.61 16.51 -0.74
C HIS A 223 17.11 16.70 -0.53
N PRO A 224 17.71 17.75 -1.14
CA PRO A 224 19.17 17.87 -1.14
C PRO A 224 19.76 18.08 0.26
N GLU A 225 18.96 18.56 1.21
CA GLU A 225 19.44 18.76 2.58
C GLU A 225 19.38 17.47 3.43
N SER A 226 18.76 16.39 2.94
CA SER A 226 18.51 15.19 3.72
C SER A 226 19.51 14.11 3.30
N SER A 227 20.73 14.09 3.87
CA SER A 227 21.87 13.37 3.28
C SER A 227 21.72 11.85 3.06
N GLN A 228 21.21 11.15 4.04
CA GLN A 228 21.14 9.70 3.94
C GLN A 228 19.67 9.27 3.80
N LEU A 229 18.87 10.06 3.07
CA LEU A 229 17.45 9.71 2.89
C LEU A 229 17.27 8.39 2.11
N PHE A 230 18.08 8.18 1.11
CA PHE A 230 18.03 6.94 0.34
C PHE A 230 18.25 5.73 1.25
N ALA A 231 19.30 5.74 2.09
CA ALA A 231 19.57 4.66 3.02
C ALA A 231 18.38 4.46 3.97
N LYS A 232 17.77 5.54 4.42
CA LYS A 232 16.61 5.44 5.30
C LYS A 232 15.46 4.78 4.58
N LEU A 233 15.27 5.06 3.30
CA LEU A 233 14.17 4.42 2.58
C LEU A 233 14.44 2.94 2.37
N LEU A 234 15.67 2.56 2.09
CA LEU A 234 15.98 1.15 1.96
C LEU A 234 15.61 0.41 3.22
N GLN A 235 15.87 1.04 4.37
CA GLN A 235 15.55 0.38 5.61
C GLN A 235 14.02 0.29 5.81
N LYS A 236 13.29 1.31 5.39
CA LYS A 236 11.84 1.23 5.45
C LYS A 236 11.31 0.05 4.64
N MET A 237 11.96 -0.33 3.53
CA MET A 237 11.55 -1.50 2.76
C MET A 237 11.66 -2.76 3.63
N THR A 238 12.72 -2.89 4.39
CA THR A 238 12.85 -4.02 5.31
C THR A 238 11.75 -3.97 6.37
N ASP A 239 11.50 -2.78 6.93
CA ASP A 239 10.50 -2.59 7.97
C ASP A 239 9.11 -3.01 7.49
N LEU A 240 8.79 -2.68 6.24
CA LEU A 240 7.50 -3.02 5.69
C LEU A 240 7.31 -4.53 5.65
N ARG A 241 8.37 -5.28 5.36
CA ARG A 241 8.24 -6.73 5.35
C ARG A 241 7.89 -7.30 6.72
N GLN A 242 8.41 -6.65 7.78
CA GLN A 242 8.09 -7.11 9.12
C GLN A 242 6.67 -6.71 9.53
N ILE A 243 6.23 -5.57 9.08
CA ILE A 243 4.85 -5.19 9.33
C ILE A 243 3.96 -6.24 8.68
N VAL A 244 4.22 -6.62 7.40
CA VAL A 244 3.33 -7.58 6.74
C VAL A 244 3.40 -8.94 7.42
N THR A 245 4.58 -9.36 7.93
CA THR A 245 4.66 -10.59 8.73
C THR A 245 3.75 -10.57 9.96
N GLU A 246 3.81 -9.47 10.72
CA GLU A 246 3.04 -9.27 11.94
C GLU A 246 1.53 -9.27 11.60
N HIS A 247 1.21 -8.80 10.39
CA HIS A 247 -0.16 -8.69 9.94
C HIS A 247 -0.73 -10.08 9.65
N VAL A 248 0.05 -10.89 8.93
CA VAL A 248 -0.37 -12.28 8.70
C VAL A 248 -0.55 -13.05 10.00
N GLN A 249 0.33 -12.83 10.99
CA GLN A 249 0.23 -13.50 12.28
C GLN A 249 -1.12 -13.22 12.92
N LEU A 250 -1.49 -11.94 12.97
CA LEU A 250 -2.76 -11.53 13.53
C LEU A 250 -3.91 -12.15 12.76
N LEU A 251 -3.78 -12.28 11.43
CA LEU A 251 -4.85 -12.87 10.64
C LEU A 251 -5.03 -14.35 11.02
N GLN A 252 -4.00 -14.97 11.61
CA GLN A 252 -4.08 -16.37 12.02
C GLN A 252 -4.86 -16.50 13.31
N VAL A 253 -4.53 -15.65 14.30
CA VAL A 253 -5.30 -15.55 15.52
C VAL A 253 -6.78 -15.42 15.17
N ILE A 254 -7.11 -14.46 14.29
CA ILE A 254 -8.47 -14.21 13.84
C ILE A 254 -9.04 -15.50 13.22
N LYS A 255 -8.37 -16.03 12.18
CA LYS A 255 -8.84 -17.21 11.46
C LYS A 255 -9.42 -18.25 12.42
N LYS A 256 -8.72 -18.51 13.54
CA LYS A 256 -9.17 -19.49 14.51
C LYS A 256 -10.36 -18.92 15.30
N THR A 257 -10.08 -18.00 16.22
CA THR A 257 -11.06 -17.54 17.20
C THR A 257 -12.38 -17.16 16.53
N GLU A 258 -12.29 -16.46 15.39
CA GLU A 258 -13.44 -15.80 14.76
C GLU A 258 -13.96 -16.64 13.59
N THR A 259 -15.27 -16.93 13.66
CA THR A 259 -15.95 -17.86 12.78
C THR A 259 -16.89 -17.12 11.84
N ASP A 260 -17.14 -15.82 12.12
CA ASP A 260 -18.09 -15.02 11.36
C ASP A 260 -17.32 -14.28 10.26
N MET A 261 -16.32 -14.97 9.71
CA MET A 261 -15.31 -14.31 8.90
C MET A 261 -15.34 -14.87 7.48
N SER A 262 -16.03 -14.14 6.60
CA SER A 262 -15.86 -14.33 5.18
C SER A 262 -14.64 -13.53 4.73
N LEU A 263 -13.95 -14.03 3.71
CA LEU A 263 -12.76 -13.39 3.18
C LEU A 263 -13.02 -13.20 1.69
N HIS A 264 -12.87 -11.97 1.21
CA HIS A 264 -13.08 -11.68 -0.19
C HIS A 264 -12.20 -12.60 -1.06
N PRO A 265 -12.74 -13.14 -2.18
CA PRO A 265 -11.98 -14.06 -3.04
C PRO A 265 -10.61 -13.56 -3.47
N LEU A 266 -10.48 -12.25 -3.75
CA LEU A 266 -9.19 -11.76 -4.22
C LEU A 266 -8.18 -11.88 -3.07
N LEU A 267 -8.57 -11.53 -1.86
CA LEU A 267 -7.69 -11.62 -0.70
C LEU A 267 -7.40 -13.10 -0.40
N GLN A 268 -8.39 -13.97 -0.57
CA GLN A 268 -8.19 -15.39 -0.37
C GLN A 268 -7.04 -15.86 -1.26
N GLU A 269 -7.09 -15.42 -2.51
CA GLU A 269 -6.13 -15.82 -3.49
C GLU A 269 -4.73 -15.31 -3.11
N ILE A 270 -4.65 -14.06 -2.68
CA ILE A 270 -3.38 -13.47 -2.30
C ILE A 270 -2.81 -14.20 -1.08
N TYR A 271 -3.65 -14.46 -0.08
CA TYR A 271 -3.15 -14.97 1.18
C TYR A 271 -2.82 -16.46 1.08
N LYS A 272 -3.39 -17.18 0.12
CA LYS A 272 -3.22 -18.62 0.02
C LYS A 272 -1.75 -18.92 -0.29
N ASP A 273 -1.10 -19.72 0.58
CA ASP A 273 0.34 -19.94 0.49
C ASP A 273 1.15 -18.64 0.56
N LEU A 274 0.66 -17.57 1.24
CA LEU A 274 1.40 -16.34 1.43
C LEU A 274 2.07 -16.38 2.80
N TYR A 275 3.41 -16.35 2.85
CA TYR A 275 4.08 -16.49 4.13
C TYR A 275 3.50 -17.72 4.86
N ASN B 5 0.83 -22.65 -16.09
CA ASN B 5 1.97 -22.33 -15.16
C ASN B 5 1.47 -22.37 -13.72
N SER B 6 2.28 -22.82 -12.75
CA SER B 6 1.67 -23.20 -11.50
C SER B 6 1.19 -21.98 -10.74
N VAL B 7 1.95 -20.88 -10.76
CA VAL B 7 1.45 -19.67 -10.11
C VAL B 7 0.20 -19.18 -10.83
N VAL B 9 -2.09 -20.66 -12.53
CA VAL B 9 -3.27 -21.46 -12.31
C VAL B 9 -3.90 -21.20 -10.94
N ARG B 10 -3.05 -20.86 -9.96
CA ARG B 10 -3.51 -20.65 -8.59
C ARG B 10 -3.99 -19.23 -8.35
N HIS B 11 -3.85 -18.34 -9.35
CA HIS B 11 -4.23 -16.94 -9.17
C HIS B 11 -5.13 -16.39 -10.28
N LEU B 13 -7.83 -14.57 -10.40
CA LEU B 13 -8.28 -13.18 -10.34
C LEU B 13 -7.14 -12.20 -10.57
N LEU B 14 -5.99 -12.45 -9.93
CA LEU B 14 -4.86 -11.56 -10.19
C LEU B 14 -4.47 -11.62 -11.68
N THR B 15 -4.58 -12.82 -12.29
CA THR B 15 -4.26 -12.95 -13.70
C THR B 15 -5.21 -12.09 -14.54
N ALA B 16 -6.52 -12.13 -14.22
CA ALA B 16 -7.47 -11.35 -14.98
C ALA B 16 -7.18 -9.84 -14.90
N ILE B 17 -6.85 -9.37 -13.70
CA ILE B 17 -6.55 -7.95 -13.52
C ILE B 17 -5.31 -7.58 -14.32
N LEU B 18 -4.26 -8.44 -14.27
CA LEU B 18 -3.04 -8.19 -15.02
C LEU B 18 -3.24 -8.15 -16.53
N GLY B 20 -5.84 -7.31 -18.17
CA GLY B 20 -6.81 -6.36 -18.63
C GLY B 20 -6.25 -5.14 -19.35
N VAL B 21 -6.96 -4.72 -20.40
CA VAL B 21 -6.63 -3.51 -21.14
C VAL B 21 -7.90 -2.66 -21.24
#